data_6VPJ
#
_entry.id   6VPJ
#
_cell.length_a   90.941
_cell.length_b   90.941
_cell.length_c   118.882
_cell.angle_alpha   90.000
_cell.angle_beta   90.000
_cell.angle_gamma   90.000
#
_symmetry.space_group_name_H-M   'P 41 21 2'
#
loop_
_entity.id
_entity.type
_entity.pdbx_description
1 polymer 'TPX2 fragment - Aurora A kinase domain fusion'
2 branched alpha-D-glucopyranose-(1-1)-alpha-D-glucopyranose
3 non-polymer 'PHOSPHOAMINOPHOSPHONIC ACID-ADENYLATE ESTER'
4 water water
#
_entity_poly.entity_id   1
_entity_poly.type   'polypeptide(L)'
_entity_poly.pdbx_seq_one_letter_code
;GAHMSYSYDAPSDFINFSSKQKNEESKKRQWALEDFEIGRPLGKGKFGNVYLAREKQSKFILALKVLFKAQLEKAGVEHQ
LRREVEIQSHLRHPNILRLYGYFHDATRVYLILEYAPLGTVYRELQKLSKFDEQRTATYITELANALSYVHSKRVIHRDI
KPENLLLGSAGELKIADFGWSVHAPSSRRTTLCGTLDYLPPEMIEGRMHDEKVDLWSLGVLVYEFLVGKPPFEANTYQET
YKRISRVEFTFPDFVTEGARDLISRLLKHNPSQRPMLREVLEHPWITANSSK
;
_entity_poly.pdbx_strand_id   A
#
loop_
_chem_comp.id
_chem_comp.type
_chem_comp.name
_chem_comp.formula
ANP non-polymer 'PHOSPHOAMINOPHOSPHONIC ACID-ADENYLATE ESTER' 'C10 H17 N6 O12 P3'
GLC D-saccharide, alpha linking alpha-D-glucopyranose 'C6 H12 O6'
#
# COMPACT_ATOMS: atom_id res chain seq x y z
N MET A 4 30.49 -38.79 -33.19
CA MET A 4 29.11 -39.26 -33.10
C MET A 4 28.78 -39.67 -31.67
N SER A 5 29.74 -39.48 -30.76
CA SER A 5 29.53 -39.83 -29.37
C SER A 5 28.77 -38.72 -28.64
N TYR A 6 27.79 -39.13 -27.84
CA TYR A 6 26.97 -38.19 -27.08
C TYR A 6 27.27 -38.24 -25.58
N SER A 7 28.46 -38.71 -25.21
CA SER A 7 28.91 -38.68 -23.82
C SER A 7 29.83 -37.47 -23.68
N TYR A 8 29.24 -36.33 -23.33
CA TYR A 8 29.96 -35.07 -23.28
C TYR A 8 30.74 -34.95 -21.98
N ASP A 9 31.64 -33.96 -21.95
CA ASP A 9 32.30 -33.55 -20.70
C ASP A 9 31.46 -32.46 -20.03
N ALA A 10 30.25 -32.83 -19.64
CA ALA A 10 29.26 -31.91 -19.11
C ALA A 10 28.43 -32.64 -18.07
N PRO A 11 27.86 -31.93 -17.10
CA PRO A 11 27.11 -32.61 -16.04
C PRO A 11 25.83 -33.27 -16.57
N SER A 12 25.57 -34.48 -16.07
CA SER A 12 24.32 -35.18 -16.35
C SER A 12 23.67 -35.71 -15.07
N ASP A 13 24.21 -35.35 -13.91
CA ASP A 13 23.66 -35.83 -12.65
C ASP A 13 22.38 -35.09 -12.28
N PHE A 14 21.48 -35.80 -11.61
CA PHE A 14 20.28 -35.18 -11.09
C PHE A 14 20.64 -34.09 -10.08
N ILE A 15 19.99 -32.94 -10.19
CA ILE A 15 20.23 -31.80 -9.33
C ILE A 15 19.02 -31.63 -8.42
N ASN A 16 19.28 -31.41 -7.13
CA ASN A 16 18.22 -31.16 -6.15
C ASN A 16 18.02 -29.66 -6.04
N PHE A 17 17.03 -29.13 -6.76
CA PHE A 17 16.78 -27.70 -6.78
C PHE A 17 16.17 -27.18 -5.49
N SER A 18 15.87 -28.06 -4.53
CA SER A 18 15.29 -27.64 -3.25
C SER A 18 16.35 -27.44 -2.19
N SER A 19 17.37 -26.64 -2.50
CA SER A 19 18.45 -26.35 -1.56
C SER A 19 19.20 -25.08 -1.97
N LYS A 27 27.18 -12.20 10.40
CA LYS A 27 28.36 -11.41 10.10
C LYS A 27 28.62 -10.35 11.16
N LYS A 28 27.61 -9.52 11.43
CA LYS A 28 27.72 -8.42 12.37
C LYS A 28 26.69 -8.60 13.49
N ARG A 29 26.52 -7.55 14.28
CA ARG A 29 25.59 -7.59 15.41
C ARG A 29 24.15 -7.68 14.92
N GLN A 30 23.43 -8.68 15.42
CA GLN A 30 22.04 -8.90 15.05
C GLN A 30 21.10 -8.24 16.06
N TRP A 31 19.86 -8.03 15.63
CA TRP A 31 18.84 -7.51 16.52
C TRP A 31 18.53 -8.51 17.62
N ALA A 32 18.13 -7.98 18.78
CA ALA A 32 17.69 -8.79 19.90
C ALA A 32 16.53 -8.09 20.58
N LEU A 33 15.65 -8.88 21.19
CA LEU A 33 14.50 -8.31 21.88
C LEU A 33 14.94 -7.39 23.02
N GLU A 34 16.08 -7.68 23.63
CA GLU A 34 16.61 -6.88 24.72
C GLU A 34 17.14 -5.52 24.26
N ASP A 35 17.11 -5.24 22.97
CA ASP A 35 17.52 -3.93 22.46
C ASP A 35 16.42 -2.89 22.57
N PHE A 36 15.22 -3.26 23.03
CA PHE A 36 14.06 -2.39 22.93
C PHE A 36 13.34 -2.29 24.27
N GLU A 37 13.03 -1.06 24.67
CA GLU A 37 12.03 -0.82 25.70
C GLU A 37 10.66 -0.81 25.06
N ILE A 38 9.67 -1.34 25.77
CA ILE A 38 8.32 -1.52 25.23
C ILE A 38 7.37 -0.54 25.90
N GLY A 39 6.52 0.09 25.09
CA GLY A 39 5.49 0.99 25.60
C GLY A 39 4.10 0.48 25.33
N ARG A 40 3.16 1.41 25.13
CA ARG A 40 1.76 1.06 24.99
C ARG A 40 1.49 0.40 23.63
N PRO A 41 0.47 -0.44 23.54
CA PRO A 41 0.09 -1.00 22.23
C PRO A 41 -0.41 0.09 21.30
N LEU A 42 0.02 0.01 20.03
CA LEU A 42 -0.42 0.94 19.01
C LEU A 42 -1.56 0.39 18.17
N GLY A 43 -1.76 -0.92 18.15
CA GLY A 43 -2.80 -1.52 17.35
C GLY A 43 -2.64 -3.02 17.33
N LYS A 44 -3.61 -3.68 16.73
CA LYS A 44 -3.63 -5.13 16.66
C LYS A 44 -4.43 -5.57 15.44
N GLY A 45 -3.85 -6.50 14.67
CA GLY A 45 -4.54 -7.13 13.57
C GLY A 45 -4.82 -8.59 13.83
N LYS A 46 -5.05 -9.33 12.74
CA LYS A 46 -5.32 -10.76 12.87
C LYS A 46 -4.08 -11.51 13.36
N PHE A 47 -2.92 -11.23 12.74
CA PHE A 47 -1.69 -11.91 13.08
C PHE A 47 -0.69 -11.05 13.84
N GLY A 48 -0.80 -9.73 13.76
CA GLY A 48 0.20 -8.83 14.29
C GLY A 48 -0.25 -8.11 15.55
N ASN A 49 0.72 -7.80 16.41
CA ASN A 49 0.50 -7.01 17.61
C ASN A 49 1.56 -5.91 17.63
N VAL A 50 1.13 -4.67 17.48
CA VAL A 50 2.04 -3.53 17.30
C VAL A 50 2.15 -2.78 18.62
N TYR A 51 3.37 -2.51 19.05
CA TYR A 51 3.63 -1.78 20.28
C TYR A 51 4.55 -0.60 20.00
N LEU A 52 4.36 0.46 20.77
CA LEU A 52 5.36 1.52 20.83
C LEU A 52 6.62 0.97 21.47
N ALA A 53 7.77 1.24 20.86
CA ALA A 53 9.03 0.72 21.36
C ALA A 53 10.11 1.78 21.21
N ARG A 54 11.24 1.53 21.86
CA ARG A 54 12.38 2.44 21.85
C ARG A 54 13.67 1.62 21.87
N GLU A 55 14.55 1.89 20.92
CA GLU A 55 15.87 1.27 20.93
C GLU A 55 16.70 1.86 22.06
N LYS A 56 17.34 0.99 22.85
CA LYS A 56 17.89 1.41 24.14
C LYS A 56 19.11 2.31 23.96
N GLN A 57 20.03 1.93 23.07
CA GLN A 57 21.27 2.69 22.95
C GLN A 57 21.02 4.10 22.44
N SER A 58 20.15 4.25 21.43
CA SER A 58 19.93 5.53 20.78
C SER A 58 18.72 6.30 21.31
N LYS A 59 17.86 5.65 22.10
CA LYS A 59 16.62 6.25 22.61
C LYS A 59 15.67 6.62 21.47
N PHE A 60 15.75 5.89 20.35
CA PHE A 60 14.97 6.20 19.16
C PHE A 60 13.62 5.50 19.23
N ILE A 61 12.56 6.28 19.08
CA ILE A 61 11.19 5.76 19.16
C ILE A 61 10.83 5.08 17.85
N LEU A 62 10.26 3.88 17.95
CA LEU A 62 9.77 3.16 16.78
C LEU A 62 8.55 2.34 17.17
N ALA A 63 8.07 1.53 16.24
CA ALA A 63 6.97 0.60 16.46
C ALA A 63 7.48 -0.83 16.26
N LEU A 64 7.17 -1.70 17.21
CA LEU A 64 7.56 -3.10 17.15
C LEU A 64 6.31 -3.96 16.94
N LYS A 65 6.27 -4.67 15.82
CA LYS A 65 5.14 -5.55 15.49
C LYS A 65 5.54 -6.99 15.79
N VAL A 66 4.70 -7.68 16.57
CA VAL A 66 5.00 -9.03 17.05
C VAL A 66 3.98 -9.98 16.45
N LEU A 67 4.48 -10.99 15.73
CA LEU A 67 3.65 -12.06 15.20
C LEU A 67 4.13 -13.38 15.80
N PHE A 68 3.22 -14.35 15.87
CA PHE A 68 3.49 -15.65 16.48
C PHE A 68 3.66 -16.69 15.39
N LYS A 69 4.78 -17.41 15.42
CA LYS A 69 5.07 -18.41 14.39
C LYS A 69 4.02 -19.51 14.35
N ALA A 70 3.45 -19.88 15.50
CA ALA A 70 2.44 -20.92 15.52
C ALA A 70 1.18 -20.48 14.79
N GLN A 71 0.73 -19.25 15.01
CA GLN A 71 -0.46 -18.76 14.32
C GLN A 71 -0.22 -18.58 12.83
N LEU A 72 0.99 -18.17 12.45
CA LEU A 72 1.31 -18.00 11.02
C LEU A 72 1.29 -19.34 10.29
N GLU A 73 1.93 -20.35 10.89
CA GLU A 73 1.99 -21.66 10.24
C GLU A 73 0.64 -22.36 10.27
N LYS A 74 -0.14 -22.18 11.34
CA LYS A 74 -1.46 -22.80 11.40
C LYS A 74 -2.40 -22.24 10.34
N ALA A 75 -2.17 -21.00 9.90
CA ALA A 75 -2.97 -20.39 8.85
C ALA A 75 -2.33 -20.55 7.47
N GLY A 76 -1.07 -20.98 7.40
CA GLY A 76 -0.42 -21.17 6.11
C GLY A 76 -0.08 -19.88 5.40
N VAL A 77 0.17 -18.80 6.13
CA VAL A 77 0.49 -17.51 5.54
C VAL A 77 1.93 -17.10 5.86
N GLU A 78 2.76 -18.05 6.31
CA GLU A 78 4.14 -17.70 6.68
C GLU A 78 4.95 -17.28 5.46
N HIS A 79 4.76 -17.96 4.32
CA HIS A 79 5.48 -17.57 3.12
C HIS A 79 5.07 -16.19 2.64
N GLN A 80 3.80 -15.82 2.84
CA GLN A 80 3.37 -14.48 2.45
C GLN A 80 3.98 -13.42 3.36
N LEU A 81 4.00 -13.66 4.66
CA LEU A 81 4.65 -12.73 5.59
C LEU A 81 6.11 -12.55 5.22
N ARG A 82 6.81 -13.67 4.94
CA ARG A 82 8.21 -13.59 4.56
C ARG A 82 8.40 -12.70 3.34
N ARG A 83 7.55 -12.87 2.32
CA ARG A 83 7.68 -12.06 1.12
C ARG A 83 7.40 -10.59 1.39
N GLU A 84 6.41 -10.30 2.24
CA GLU A 84 6.13 -8.91 2.59
C GLU A 84 7.31 -8.26 3.29
N VAL A 85 7.94 -8.99 4.23
CA VAL A 85 9.09 -8.45 4.94
C VAL A 85 10.25 -8.20 3.99
N GLU A 86 10.49 -9.13 3.06
CA GLU A 86 11.59 -8.96 2.11
C GLU A 86 11.33 -7.78 1.18
N ILE A 87 10.08 -7.58 0.76
CA ILE A 87 9.77 -6.51 -0.18
C ILE A 87 9.79 -5.15 0.52
N GLN A 88 9.08 -5.05 1.65
CA GLN A 88 8.91 -3.76 2.31
C GLN A 88 10.24 -3.23 2.86
N SER A 89 11.09 -4.11 3.38
CA SER A 89 12.36 -3.68 3.94
C SER A 89 13.33 -3.12 2.90
N HIS A 90 13.03 -3.28 1.61
CA HIS A 90 13.86 -2.73 0.55
C HIS A 90 13.30 -1.44 -0.04
N LEU A 91 12.10 -1.03 0.36
CA LEU A 91 11.53 0.23 -0.07
C LEU A 91 11.96 1.34 0.87
N ARG A 92 12.57 2.39 0.31
CA ARG A 92 12.99 3.55 1.08
C ARG A 92 12.47 4.81 0.38
N HIS A 93 11.38 5.37 0.91
CA HIS A 93 10.74 6.56 0.39
C HIS A 93 10.08 7.26 1.57
N PRO A 94 10.12 8.60 1.61
CA PRO A 94 9.56 9.30 2.78
C PRO A 94 8.07 9.09 2.97
N ASN A 95 7.35 8.64 1.94
CA ASN A 95 5.91 8.42 2.03
C ASN A 95 5.54 6.94 1.99
N ILE A 96 6.50 6.06 2.27
CA ILE A 96 6.24 4.64 2.45
C ILE A 96 6.74 4.26 3.84
N LEU A 97 5.87 3.61 4.62
CA LEU A 97 6.23 3.24 5.99
C LEU A 97 7.48 2.37 5.98
N ARG A 98 8.52 2.86 6.66
CA ARG A 98 9.82 2.20 6.63
C ARG A 98 9.81 0.94 7.51
N LEU A 99 10.33 -0.15 6.97
CA LEU A 99 10.58 -1.38 7.72
C LEU A 99 12.09 -1.50 7.87
N TYR A 100 12.60 -1.20 9.07
CA TYR A 100 14.05 -1.17 9.27
C TYR A 100 14.65 -2.57 9.22
N GLY A 101 13.95 -3.56 9.76
CA GLY A 101 14.49 -4.90 9.78
C GLY A 101 13.58 -5.82 10.56
N TYR A 102 14.08 -7.03 10.79
CA TYR A 102 13.29 -8.05 11.47
C TYR A 102 14.22 -8.95 12.28
N PHE A 103 13.61 -9.70 13.20
CA PHE A 103 14.29 -10.77 13.90
C PHE A 103 13.23 -11.70 14.47
N HIS A 104 13.68 -12.84 14.97
CA HIS A 104 12.76 -13.86 15.46
C HIS A 104 13.40 -14.62 16.60
N ASP A 105 12.57 -15.20 17.45
CA ASP A 105 13.04 -16.07 18.52
C ASP A 105 12.37 -17.44 18.42
N ALA A 106 12.07 -18.05 19.56
CA ALA A 106 11.52 -19.39 19.55
C ALA A 106 10.11 -19.41 18.98
N THR A 107 9.25 -18.48 19.41
CA THR A 107 7.84 -18.53 19.08
C THR A 107 7.31 -17.30 18.38
N ARG A 108 8.14 -16.28 18.14
CA ARG A 108 7.63 -15.00 17.65
C ARG A 108 8.52 -14.44 16.56
N VAL A 109 7.90 -13.69 15.65
CA VAL A 109 8.57 -12.90 14.63
C VAL A 109 8.36 -11.43 14.95
N TYR A 110 9.41 -10.64 14.81
CA TYR A 110 9.39 -9.22 15.18
C TYR A 110 9.73 -8.36 13.98
N LEU A 111 8.88 -7.37 13.71
CA LEU A 111 9.13 -6.38 12.67
C LEU A 111 9.42 -5.04 13.31
N ILE A 112 10.55 -4.45 12.95
CA ILE A 112 10.98 -3.16 13.48
C ILE A 112 10.56 -2.08 12.49
N LEU A 113 9.54 -1.31 12.84
CA LEU A 113 8.87 -0.43 11.90
C LEU A 113 9.02 1.03 12.30
N GLU A 114 8.96 1.89 11.28
CA GLU A 114 8.79 3.32 11.52
C GLU A 114 7.48 3.57 12.26
N TYR A 115 7.53 4.45 13.25
CA TYR A 115 6.36 4.79 14.05
C TYR A 115 5.63 5.98 13.42
N ALA A 116 4.33 5.80 13.18
CA ALA A 116 3.49 6.84 12.60
C ALA A 116 2.60 7.41 13.69
N PRO A 117 2.87 8.61 14.19
CA PRO A 117 2.20 9.07 15.41
C PRO A 117 0.75 9.50 15.22
N LEU A 118 0.33 9.90 14.02
CA LEU A 118 -0.95 10.58 13.84
C LEU A 118 -2.03 9.66 13.26
N GLY A 119 -1.85 8.35 13.33
CA GLY A 119 -2.93 7.45 12.95
C GLY A 119 -3.12 7.33 11.44
N THR A 120 -4.25 6.73 11.07
CA THR A 120 -4.58 6.49 9.67
C THR A 120 -5.39 7.65 9.09
N VAL A 121 -5.30 7.80 7.76
CA VAL A 121 -6.14 8.76 7.05
C VAL A 121 -7.60 8.36 7.15
N TYR A 122 -7.89 7.06 7.21
CA TYR A 122 -9.27 6.60 7.37
C TYR A 122 -9.89 7.17 8.65
N ARG A 123 -9.17 7.08 9.76
CA ARG A 123 -9.67 7.63 11.02
C ARG A 123 -9.84 9.14 10.92
N GLU A 124 -8.85 9.83 10.35
CA GLU A 124 -8.95 11.28 10.21
C GLU A 124 -10.10 11.70 9.31
N LEU A 125 -10.39 10.90 8.28
CA LEU A 125 -11.51 11.22 7.41
C LEU A 125 -12.84 11.04 8.14
N GLN A 126 -12.92 10.05 9.03
CA GLN A 126 -14.11 9.89 9.85
C GLN A 126 -14.35 11.12 10.73
N LYS A 127 -13.28 11.70 11.28
CA LYS A 127 -13.43 12.79 12.23
C LYS A 127 -13.75 14.11 11.55
N LEU A 128 -13.14 14.38 10.39
CA LEU A 128 -13.36 15.62 9.68
C LEU A 128 -14.49 15.53 8.65
N SER A 129 -15.01 14.33 8.39
CA SER A 129 -16.01 14.05 7.36
C SER A 129 -15.41 14.19 5.97
N LYS A 130 -14.74 15.32 5.70
CA LYS A 130 -14.06 15.52 4.43
C LYS A 130 -12.90 16.48 4.65
N PHE A 131 -11.96 16.45 3.72
CA PHE A 131 -10.76 17.29 3.79
C PHE A 131 -10.91 18.51 2.89
N ASP A 132 -10.24 19.60 3.28
CA ASP A 132 -10.20 20.79 2.46
C ASP A 132 -9.21 20.62 1.30
N GLU A 133 -9.20 21.60 0.40
CA GLU A 133 -8.43 21.46 -0.83
C GLU A 133 -6.93 21.43 -0.56
N GLN A 134 -6.48 22.12 0.50
CA GLN A 134 -5.05 22.19 0.77
C GLN A 134 -4.53 20.88 1.35
N ARG A 135 -5.25 20.31 2.32
CA ARG A 135 -4.87 19.01 2.85
C ARG A 135 -4.93 17.93 1.77
N THR A 136 -5.97 17.98 0.93
CA THR A 136 -6.12 16.99 -0.13
C THR A 136 -4.99 17.10 -1.14
N ALA A 137 -4.76 18.30 -1.69
CA ALA A 137 -3.74 18.48 -2.71
C ALA A 137 -2.36 18.08 -2.22
N THR A 138 -2.07 18.32 -0.94
CA THR A 138 -0.78 17.93 -0.40
C THR A 138 -0.65 16.42 -0.29
N TYR A 139 -1.72 15.74 0.15
CA TYR A 139 -1.73 14.29 0.19
C TYR A 139 -1.49 13.70 -1.21
N ILE A 140 -2.12 14.29 -2.22
CA ILE A 140 -2.01 13.76 -3.58
C ILE A 140 -0.58 13.91 -4.09
N THR A 141 0.07 15.02 -3.78
CA THR A 141 1.48 15.21 -4.15
C THR A 141 2.33 14.12 -3.53
N GLU A 142 2.12 13.84 -2.23
CA GLU A 142 2.89 12.81 -1.56
C GLU A 142 2.61 11.43 -2.15
N LEU A 143 1.34 11.13 -2.45
CA LEU A 143 0.99 9.82 -2.99
C LEU A 143 1.52 9.65 -4.41
N ALA A 144 1.42 10.71 -5.23
CA ALA A 144 1.96 10.63 -6.59
C ALA A 144 3.46 10.34 -6.56
N ASN A 145 4.18 10.99 -5.65
CA ASN A 145 5.61 10.72 -5.51
C ASN A 145 5.86 9.28 -5.09
N ALA A 146 5.09 8.78 -4.11
CA ALA A 146 5.26 7.41 -3.67
C ALA A 146 4.92 6.43 -4.79
N LEU A 147 3.85 6.70 -5.54
CA LEU A 147 3.46 5.80 -6.62
C LEU A 147 4.54 5.74 -7.71
N SER A 148 5.19 6.87 -7.98
CA SER A 148 6.28 6.88 -8.95
C SER A 148 7.43 6.00 -8.50
N TYR A 149 7.77 6.07 -7.21
CA TYR A 149 8.82 5.19 -6.66
C TYR A 149 8.39 3.73 -6.74
N VAL A 150 7.14 3.44 -6.40
CA VAL A 150 6.65 2.07 -6.41
C VAL A 150 6.72 1.48 -7.82
N HIS A 151 6.35 2.27 -8.83
CA HIS A 151 6.37 1.77 -10.20
C HIS A 151 7.79 1.58 -10.72
N SER A 152 8.72 2.46 -10.32
CA SER A 152 10.09 2.31 -10.77
C SER A 152 10.76 1.06 -10.18
N LYS A 153 10.31 0.64 -9.00
CA LYS A 153 10.79 -0.60 -8.39
C LYS A 153 9.98 -1.81 -8.80
N ARG A 154 8.92 -1.62 -9.61
CA ARG A 154 8.08 -2.71 -10.09
C ARG A 154 7.45 -3.49 -8.93
N VAL A 155 7.00 -2.76 -7.91
CA VAL A 155 6.40 -3.38 -6.73
C VAL A 155 4.97 -3.79 -7.04
N ILE A 156 4.65 -5.06 -6.80
CA ILE A 156 3.28 -5.55 -6.90
C ILE A 156 2.52 -5.12 -5.65
N HIS A 157 1.48 -4.31 -5.83
CA HIS A 157 0.76 -3.72 -4.71
C HIS A 157 -0.74 -3.78 -4.98
N ARG A 158 -1.50 -3.43 -3.95
CA ARG A 158 -2.96 -3.42 -3.97
C ARG A 158 -3.46 -1.98 -4.02
N ASP A 159 -4.78 -1.81 -3.87
CA ASP A 159 -5.37 -0.48 -3.89
C ASP A 159 -4.84 0.36 -2.73
N ILE A 160 -4.55 1.64 -3.01
CA ILE A 160 -4.18 2.59 -1.99
C ILE A 160 -5.46 3.26 -1.50
N LYS A 161 -5.90 2.87 -0.30
CA LYS A 161 -7.14 3.38 0.29
C LYS A 161 -6.79 4.14 1.57
N PRO A 162 -7.72 4.93 2.13
CA PRO A 162 -7.41 5.63 3.39
C PRO A 162 -7.01 4.70 4.51
N GLU A 163 -7.49 3.45 4.52
CA GLU A 163 -7.11 2.52 5.57
C GLU A 163 -5.65 2.10 5.47
N ASN A 164 -5.09 2.17 4.27
CA ASN A 164 -3.70 1.78 4.05
C ASN A 164 -2.72 2.92 4.23
N LEU A 165 -3.18 4.08 4.71
CA LEU A 165 -2.36 5.28 4.79
C LEU A 165 -2.21 5.69 6.25
N LEU A 166 -0.97 5.75 6.72
CA LEU A 166 -0.64 6.29 8.03
C LEU A 166 -0.15 7.73 7.90
N LEU A 167 -0.07 8.42 9.03
CA LEU A 167 0.33 9.81 9.07
C LEU A 167 1.56 9.97 9.95
N GLY A 168 2.60 10.60 9.40
CA GLY A 168 3.82 10.85 10.13
C GLY A 168 3.67 11.98 11.13
N SER A 169 4.80 12.33 11.76
CA SER A 169 4.79 13.34 12.80
C SER A 169 4.40 14.71 12.25
N ALA A 170 4.86 15.04 11.04
CA ALA A 170 4.51 16.30 10.40
C ALA A 170 3.24 16.19 9.56
N GLY A 171 2.46 15.12 9.75
CA GLY A 171 1.23 14.95 9.01
C GLY A 171 1.40 14.50 7.58
N GLU A 172 2.53 13.89 7.25
CA GLU A 172 2.78 13.43 5.89
C GLU A 172 2.30 11.98 5.73
N LEU A 173 1.94 11.65 4.49
CA LEU A 173 1.38 10.33 4.20
C LEU A 173 2.46 9.25 4.32
N LYS A 174 2.04 8.08 4.82
CA LYS A 174 2.90 6.90 4.89
C LYS A 174 2.08 5.72 4.37
N ILE A 175 2.46 5.19 3.20
CA ILE A 175 1.80 4.00 2.68
C ILE A 175 2.19 2.81 3.55
N ALA A 176 1.19 2.11 4.07
CA ALA A 176 1.40 0.94 4.91
C ALA A 176 0.96 -0.33 4.17
N ASP A 177 1.54 -1.44 4.59
CA ASP A 177 1.30 -2.75 3.97
C ASP A 177 0.15 -3.50 4.63
N PHE A 178 -0.89 -2.80 5.06
CA PHE A 178 -2.01 -3.45 5.74
C PHE A 178 -2.75 -4.37 4.79
N GLY A 179 -3.38 -5.40 5.36
CA GLY A 179 -4.19 -6.32 4.57
C GLY A 179 -3.41 -7.34 3.77
N TRP A 180 -2.16 -7.59 4.13
CA TRP A 180 -1.33 -8.52 3.36
C TRP A 180 -1.85 -9.95 3.46
N SER A 181 -2.42 -10.34 4.60
CA SER A 181 -2.87 -11.71 4.76
C SER A 181 -4.14 -11.99 3.98
N VAL A 182 -4.97 -10.96 3.76
CA VAL A 182 -6.16 -11.12 2.93
C VAL A 182 -5.74 -11.38 1.50
N HIS A 183 -6.47 -12.28 0.83
CA HIS A 183 -6.19 -12.73 -0.53
C HIS A 183 -4.86 -13.46 -0.65
N ALA A 184 -4.23 -13.81 0.46
CA ALA A 184 -3.01 -14.59 0.38
C ALA A 184 -3.35 -16.08 0.35
N PRO A 185 -2.64 -16.86 -0.47
CA PRO A 185 -2.93 -18.31 -0.54
C PRO A 185 -2.54 -18.99 0.76
N SER A 186 -3.53 -19.63 1.39
CA SER A 186 -3.30 -20.32 2.67
C SER A 186 -2.97 -21.79 2.43
N THR A 190 -9.06 -23.31 2.42
CA THR A 190 -9.41 -22.32 1.41
C THR A 190 -9.42 -20.91 2.01
N THR A 191 -8.87 -19.95 1.27
CA THR A 191 -8.90 -18.56 1.71
C THR A 191 -10.33 -18.03 1.72
N LEU A 192 -10.65 -17.22 2.73
CA LEU A 192 -12.01 -16.75 2.91
C LEU A 192 -12.43 -15.77 1.82
N CYS A 193 -11.51 -14.98 1.30
CA CYS A 193 -11.82 -13.96 0.31
C CYS A 193 -11.56 -14.41 -1.13
N GLY A 194 -11.11 -15.65 -1.32
CA GLY A 194 -10.82 -16.12 -2.66
C GLY A 194 -9.49 -15.63 -3.19
N THR A 195 -8.76 -16.49 -3.89
CA THR A 195 -7.45 -16.15 -4.41
C THR A 195 -7.56 -15.68 -5.86
N LEU A 196 -6.42 -15.62 -6.54
CA LEU A 196 -6.32 -15.17 -7.92
C LEU A 196 -6.30 -16.32 -8.91
N ASP A 197 -6.49 -17.56 -8.44
CA ASP A 197 -6.18 -18.73 -9.25
C ASP A 197 -6.98 -18.77 -10.55
N TYR A 198 -8.16 -18.17 -10.57
CA TYR A 198 -9.02 -18.23 -11.75
C TYR A 198 -9.04 -16.93 -12.55
N LEU A 199 -8.23 -15.94 -12.17
CA LEU A 199 -8.28 -14.65 -12.86
C LEU A 199 -7.35 -14.66 -14.07
N PRO A 200 -7.79 -14.16 -15.22
CA PRO A 200 -6.94 -14.14 -16.40
C PRO A 200 -5.91 -13.02 -16.31
N PRO A 201 -4.90 -13.01 -17.18
CA PRO A 201 -3.89 -11.93 -17.12
C PRO A 201 -4.48 -10.54 -17.29
N GLU A 202 -5.45 -10.36 -18.18
CA GLU A 202 -5.96 -9.02 -18.47
C GLU A 202 -6.67 -8.39 -17.28
N MET A 203 -7.07 -9.20 -16.29
CA MET A 203 -7.71 -8.67 -15.10
C MET A 203 -6.74 -8.41 -13.96
N ILE A 204 -5.51 -8.91 -14.06
CA ILE A 204 -4.52 -8.74 -13.01
C ILE A 204 -3.28 -7.97 -13.47
N GLU A 205 -2.96 -7.96 -14.76
CA GLU A 205 -1.76 -7.26 -15.21
C GLU A 205 -1.88 -5.75 -15.08
N GLY A 206 -3.10 -5.22 -14.97
N GLY A 206 -3.05 -5.23 -14.74
CA GLY A 206 -3.32 -3.79 -15.18
CA GLY A 206 -3.13 -3.89 -14.17
C GLY A 206 -2.50 -2.93 -14.25
C GLY A 206 -2.47 -3.76 -12.80
N ARG A 207 -2.62 -3.18 -12.95
N ARG A 207 -2.04 -4.86 -12.19
CA ARG A 207 -1.66 -2.62 -12.01
CA ARG A 207 -1.34 -4.82 -10.92
C ARG A 207 -0.31 -3.30 -12.21
C ARG A 207 0.18 -4.82 -11.06
N MET A 208 0.76 -2.51 -12.08
N MET A 208 0.71 -5.33 -12.17
CA MET A 208 2.16 -2.87 -12.31
CA MET A 208 2.14 -5.31 -12.43
C MET A 208 2.61 -2.61 -13.75
C MET A 208 2.53 -4.31 -13.49
N HIS A 209 1.76 -2.92 -14.73
N HIS A 209 1.71 -4.14 -14.52
CA HIS A 209 2.17 -2.77 -16.13
CA HIS A 209 1.84 -3.02 -15.44
C HIS A 209 2.51 -1.31 -16.43
C HIS A 209 0.91 -1.89 -14.98
N ASP A 210 1.52 -0.42 -16.31
N ASP A 210 1.28 -1.30 -13.85
CA ASP A 210 1.77 1.00 -16.43
CA ASP A 210 0.41 -0.40 -13.11
C ASP A 210 1.07 1.74 -15.29
C ASP A 210 0.89 1.04 -13.25
N GLU A 211 0.99 3.07 -15.38
N GLU A 211 0.20 1.80 -14.10
CA GLU A 211 0.44 3.86 -14.30
CA GLU A 211 0.33 3.25 -14.16
C GLU A 211 -1.08 3.95 -14.31
C GLU A 211 -1.06 3.86 -14.30
N LYS A 212 -1.75 3.50 -15.39
CA LYS A 212 -3.11 3.96 -15.63
C LYS A 212 -4.09 3.46 -14.58
N VAL A 213 -3.92 2.23 -14.08
CA VAL A 213 -4.83 1.72 -13.06
C VAL A 213 -4.68 2.53 -11.77
N ASP A 214 -3.44 2.76 -11.33
CA ASP A 214 -3.21 3.56 -10.13
C ASP A 214 -3.70 4.99 -10.30
N LEU A 215 -3.64 5.52 -11.52
CA LEU A 215 -4.15 6.87 -11.75
C LEU A 215 -5.66 6.94 -11.56
N TRP A 216 -6.39 5.92 -12.03
CA TRP A 216 -7.82 5.85 -11.76
C TRP A 216 -8.07 5.81 -10.26
N SER A 217 -7.39 4.90 -9.57
CA SER A 217 -7.58 4.77 -8.12
C SER A 217 -7.21 6.06 -7.39
N LEU A 218 -6.22 6.79 -7.90
CA LEU A 218 -5.89 8.09 -7.33
C LEU A 218 -7.05 9.07 -7.50
N GLY A 219 -7.71 9.04 -8.67
CA GLY A 219 -8.86 9.90 -8.88
C GLY A 219 -9.99 9.62 -7.92
N VAL A 220 -10.26 8.33 -7.69
CA VAL A 220 -11.25 7.95 -6.68
C VAL A 220 -10.86 8.50 -5.32
N LEU A 221 -9.57 8.46 -5.00
CA LEU A 221 -9.12 8.91 -3.68
C LEU A 221 -9.23 10.43 -3.54
N VAL A 222 -8.93 11.18 -4.60
CA VAL A 222 -9.12 12.62 -4.58
C VAL A 222 -10.58 12.96 -4.28
N TYR A 223 -11.50 12.27 -4.97
CA TYR A 223 -12.92 12.48 -4.75
C TYR A 223 -13.31 12.15 -3.31
N GLU A 224 -12.86 10.99 -2.80
CA GLU A 224 -13.24 10.59 -1.46
C GLU A 224 -12.68 11.55 -0.42
N PHE A 225 -11.47 12.06 -0.63
CA PHE A 225 -10.91 13.06 0.27
C PHE A 225 -11.78 14.31 0.31
N LEU A 226 -12.15 14.83 -0.86
CA LEU A 226 -12.86 16.10 -0.93
C LEU A 226 -14.34 15.97 -0.59
N VAL A 227 -14.94 14.81 -0.82
CA VAL A 227 -16.37 14.62 -0.65
C VAL A 227 -16.70 13.83 0.61
N GLY A 228 -15.87 12.85 0.96
CA GLY A 228 -16.11 12.01 2.12
C GLY A 228 -16.58 10.62 1.81
N LYS A 229 -17.00 10.37 0.57
CA LYS A 229 -17.43 9.05 0.12
C LYS A 229 -16.93 8.82 -1.30
N PRO A 230 -16.74 7.57 -1.70
CA PRO A 230 -16.26 7.28 -3.05
C PRO A 230 -17.31 7.65 -4.09
N PRO A 231 -16.90 7.93 -5.33
CA PRO A 231 -17.87 8.43 -6.32
C PRO A 231 -18.82 7.38 -6.85
N PHE A 232 -18.48 6.08 -6.78
CA PHE A 232 -19.27 5.04 -7.43
C PHE A 232 -19.96 4.12 -6.43
N GLU A 233 -20.10 4.53 -5.18
CA GLU A 233 -20.69 3.63 -4.18
C GLU A 233 -22.17 3.42 -4.45
N ALA A 234 -22.63 2.18 -4.20
CA ALA A 234 -24.02 1.82 -4.38
C ALA A 234 -24.36 0.70 -3.40
N ASN A 235 -25.64 0.34 -3.36
CA ASN A 235 -26.10 -0.64 -2.39
C ASN A 235 -25.84 -2.09 -2.82
N THR A 236 -25.56 -2.33 -4.10
CA THR A 236 -25.27 -3.66 -4.59
C THR A 236 -23.96 -3.66 -5.36
N TYR A 237 -23.35 -4.84 -5.42
CA TYR A 237 -22.12 -5.01 -6.19
C TYR A 237 -22.38 -4.86 -7.69
N GLN A 238 -23.57 -5.25 -8.15
CA GLN A 238 -23.91 -5.11 -9.56
C GLN A 238 -24.02 -3.65 -9.98
N GLU A 239 -24.64 -2.81 -9.13
CA GLU A 239 -24.81 -1.41 -9.51
C GLU A 239 -23.49 -0.66 -9.46
N THR A 240 -22.64 -0.97 -8.48
CA THR A 240 -21.31 -0.39 -8.45
C THR A 240 -20.53 -0.74 -9.71
N TYR A 241 -20.60 -2.02 -10.11
CA TYR A 241 -20.03 -2.45 -11.37
C TYR A 241 -20.46 -1.55 -12.53
N LYS A 242 -21.78 -1.33 -12.66
CA LYS A 242 -22.29 -0.57 -13.79
C LYS A 242 -21.87 0.89 -13.72
N ARG A 243 -21.88 1.49 -12.53
CA ARG A 243 -21.51 2.90 -12.41
C ARG A 243 -20.04 3.10 -12.76
N ILE A 244 -19.17 2.17 -12.36
CA ILE A 244 -17.75 2.29 -12.71
C ILE A 244 -17.56 2.18 -14.21
N SER A 245 -18.13 1.13 -14.82
CA SER A 245 -17.88 0.87 -16.24
C SER A 245 -18.44 1.99 -17.12
N ARG A 246 -19.57 2.58 -16.73
CA ARG A 246 -20.14 3.68 -17.46
C ARG A 246 -19.72 5.05 -16.93
N VAL A 247 -18.84 5.07 -15.93
CA VAL A 247 -18.30 6.30 -15.34
C VAL A 247 -19.47 7.21 -14.95
N GLU A 248 -20.41 6.67 -14.18
CA GLU A 248 -21.59 7.42 -13.74
C GLU A 248 -21.31 7.94 -12.33
N PHE A 249 -20.85 9.18 -12.24
CA PHE A 249 -20.66 9.84 -10.95
C PHE A 249 -20.88 11.33 -11.13
N THR A 250 -21.23 12.00 -10.03
CA THR A 250 -21.52 13.42 -10.05
C THR A 250 -20.81 14.12 -8.89
N PHE A 251 -20.67 15.46 -9.01
CA PHE A 251 -19.95 16.28 -8.05
C PHE A 251 -20.91 17.06 -7.17
N PRO A 252 -20.68 17.12 -5.87
CA PRO A 252 -21.44 18.05 -5.02
C PRO A 252 -21.08 19.49 -5.37
N ASP A 253 -21.89 20.42 -4.86
CA ASP A 253 -21.73 21.83 -5.22
C ASP A 253 -20.37 22.38 -4.81
N PHE A 254 -19.85 21.94 -3.67
CA PHE A 254 -18.66 22.57 -3.09
C PHE A 254 -17.36 22.13 -3.74
N VAL A 255 -17.38 21.21 -4.70
CA VAL A 255 -16.17 20.81 -5.40
C VAL A 255 -15.86 21.85 -6.47
N THR A 256 -14.67 22.44 -6.40
CA THR A 256 -14.30 23.54 -7.27
C THR A 256 -13.96 23.03 -8.67
N GLU A 257 -13.82 23.98 -9.60
CA GLU A 257 -13.60 23.64 -11.00
C GLU A 257 -12.25 22.96 -11.19
N GLY A 258 -11.22 23.43 -10.50
CA GLY A 258 -9.91 22.80 -10.61
C GLY A 258 -9.92 21.37 -10.12
N ALA A 259 -10.59 21.12 -8.99
CA ALA A 259 -10.72 19.75 -8.50
C ALA A 259 -11.53 18.90 -9.46
N ARG A 260 -12.63 19.44 -9.97
CA ARG A 260 -13.43 18.73 -10.97
C ARG A 260 -12.59 18.34 -12.18
N ASP A 261 -11.74 19.26 -12.63
CA ASP A 261 -10.91 18.99 -13.82
C ASP A 261 -9.95 17.84 -13.57
N LEU A 262 -9.30 17.81 -12.40
CA LEU A 262 -8.34 16.75 -12.12
C LEU A 262 -9.04 15.41 -11.95
N ILE A 263 -10.13 15.38 -11.18
CA ILE A 263 -10.85 14.12 -10.94
C ILE A 263 -11.40 13.56 -12.24
N SER A 264 -12.01 14.42 -13.06
CA SER A 264 -12.61 13.94 -14.30
C SER A 264 -11.58 13.41 -15.28
N ARG A 265 -10.36 13.96 -15.25
CA ARG A 265 -9.32 13.47 -16.15
C ARG A 265 -8.71 12.17 -15.64
N LEU A 266 -8.60 12.02 -14.32
CA LEU A 266 -8.12 10.77 -13.75
C LEU A 266 -9.14 9.65 -13.91
N LEU A 267 -10.43 9.97 -13.83
CA LEU A 267 -11.49 8.97 -13.98
C LEU A 267 -11.99 8.87 -15.41
N LYS A 268 -11.09 8.86 -16.38
CA LYS A 268 -11.44 8.60 -17.77
C LYS A 268 -11.58 7.10 -18.00
N HIS A 269 -12.61 6.71 -18.74
CA HIS A 269 -12.77 5.30 -19.08
C HIS A 269 -11.62 4.79 -19.92
N ASN A 270 -11.17 5.59 -20.89
CA ASN A 270 -10.01 5.26 -21.69
C ASN A 270 -8.75 5.46 -20.88
N PRO A 271 -7.99 4.41 -20.56
CA PRO A 271 -6.80 4.61 -19.71
C PRO A 271 -5.77 5.54 -20.31
N SER A 272 -5.63 5.57 -21.63
CA SER A 272 -4.64 6.42 -22.28
C SER A 272 -4.98 7.91 -22.13
N GLN A 273 -6.20 8.24 -21.76
CA GLN A 273 -6.61 9.63 -21.58
C GLN A 273 -6.38 10.13 -20.16
N ARG A 274 -5.94 9.26 -19.25
CA ARG A 274 -5.65 9.68 -17.88
C ARG A 274 -4.26 10.33 -17.81
N PRO A 275 -4.13 11.47 -17.14
CA PRO A 275 -2.84 12.17 -17.12
C PRO A 275 -1.80 11.41 -16.32
N MET A 276 -0.56 11.47 -16.78
CA MET A 276 0.53 10.77 -16.10
C MET A 276 0.75 11.36 -14.71
N LEU A 277 1.51 10.62 -13.90
CA LEU A 277 1.78 11.05 -12.53
C LEU A 277 2.47 12.42 -12.50
N ARG A 278 3.38 12.67 -13.45
CA ARG A 278 4.02 13.97 -13.50
C ARG A 278 3.05 15.05 -13.94
N GLU A 279 2.06 14.71 -14.78
CA GLU A 279 1.02 15.66 -15.13
C GLU A 279 0.14 15.99 -13.93
N VAL A 280 -0.07 15.02 -13.04
CA VAL A 280 -0.86 15.27 -11.84
C VAL A 280 -0.13 16.25 -10.92
N LEU A 281 1.17 16.04 -10.71
CA LEU A 281 1.96 16.95 -9.90
C LEU A 281 2.04 18.35 -10.51
N GLU A 282 1.82 18.47 -11.82
CA GLU A 282 1.87 19.73 -12.52
C GLU A 282 0.50 20.39 -12.68
N HIS A 283 -0.57 19.72 -12.24
CA HIS A 283 -1.91 20.25 -12.46
C HIS A 283 -2.08 21.57 -11.72
N PRO A 284 -2.70 22.58 -12.35
CA PRO A 284 -2.81 23.89 -11.70
C PRO A 284 -3.55 23.87 -10.37
N TRP A 285 -4.55 23.00 -10.22
CA TRP A 285 -5.23 22.88 -8.94
C TRP A 285 -4.29 22.30 -7.88
N ILE A 286 -3.43 21.37 -8.28
CA ILE A 286 -2.49 20.76 -7.33
C ILE A 286 -1.45 21.79 -6.88
N THR A 287 -0.81 22.47 -7.84
CA THR A 287 0.25 23.42 -7.50
C THR A 287 -0.29 24.60 -6.72
N ALA A 288 -1.56 24.95 -6.91
CA ALA A 288 -2.11 26.12 -6.21
C ALA A 288 -2.42 25.81 -4.75
N ASN A 289 -2.77 24.57 -4.43
CA ASN A 289 -3.23 24.21 -3.09
C ASN A 289 -2.27 23.34 -2.31
N SER A 290 -1.30 22.70 -2.95
CA SER A 290 -0.38 21.81 -2.25
C SER A 290 0.72 22.61 -1.57
N SER A 291 1.00 22.26 -0.31
CA SER A 291 2.16 22.83 0.37
C SER A 291 3.44 22.06 0.06
N LYS A 292 3.31 20.86 -0.49
CA LYS A 292 4.46 20.04 -0.85
C LYS A 292 4.94 20.38 -2.25
C1 GLC B . -0.67 20.55 8.45
C2 GLC B . -1.26 19.27 7.89
C3 GLC B . -1.96 19.47 6.60
C4 GLC B . -2.97 20.60 6.66
C5 GLC B . -2.36 21.88 7.21
C6 GLC B . -3.43 22.96 7.38
O2 GLC B . -0.22 18.31 7.69
O3 GLC B . -2.65 18.24 6.24
O4 GLC B . -3.44 20.85 5.33
O5 GLC B . -1.69 21.66 8.50
O6 GLC B . -2.84 24.21 7.30
C1 GLC B . 1.01 22.04 8.23
C2 GLC B . 1.87 22.73 7.20
C3 GLC B . 2.99 21.85 6.79
C4 GLC B . 3.84 21.49 7.98
C5 GLC B . 3.02 20.83 9.07
C6 GLC B . 3.87 20.67 10.31
O1 GLC B . 0.38 20.95 7.66
O2 GLC B . 1.06 23.04 6.02
O3 GLC B . 3.81 22.53 5.80
O4 GLC B . 4.87 20.58 7.56
O5 GLC B . 1.82 21.60 9.43
O6 GLC B . 4.55 21.85 10.57
PG ANP C . -1.90 -8.12 10.68
O1G ANP C . -2.44 -9.51 10.65
O2G ANP C . -0.47 -8.10 10.01
O3G ANP C . -1.77 -7.64 12.17
PB ANP C . -2.29 -5.64 9.38
O1B ANP C . -0.92 -5.83 8.83
O2B ANP C . -3.20 -5.06 8.26
N3B ANP C . -2.97 -7.10 9.85
PA ANP C . -1.03 -4.39 11.51
O1A ANP C . -0.91 -5.49 12.50
O2A ANP C . 0.21 -4.17 10.63
O3A ANP C . -2.28 -4.61 10.56
O5' ANP C . -1.39 -3.07 12.31
C5' ANP C . -2.54 -3.00 13.17
C4' ANP C . -2.85 -1.56 13.47
O4' ANP C . -1.79 -1.00 14.29
C3' ANP C . -2.95 -0.64 12.26
O3' ANP C . -4.25 -0.65 11.69
C2' ANP C . -2.59 0.72 12.86
O2' ANP C . -3.72 1.31 13.50
C1' ANP C . -1.53 0.34 13.90
N9 ANP C . -0.17 0.43 13.40
C8 ANP C . 0.51 -0.52 12.67
N7 ANP C . 1.72 -0.18 12.35
C5 ANP C . 1.87 1.08 12.92
C6 ANP C . 2.95 1.99 12.94
N6 ANP C . 4.13 1.76 12.36
N1 ANP C . 2.77 3.17 13.59
C2 ANP C . 1.59 3.40 14.17
N3 ANP C . 0.51 2.62 14.21
C4 ANP C . 0.72 1.47 13.57
#